data_2JHC
#
_entry.id   2JHC
#
_cell.length_a   75.239
_cell.length_b   75.239
_cell.length_c   421.838
_cell.angle_alpha   90.00
_cell.angle_beta   90.00
_cell.angle_gamma   120.00
#
_symmetry.space_group_name_H-M   'P 65 2 2'
#
loop_
_entity.id
_entity.type
_entity.pdbx_description
1 polymer 'VP4 CORE PROTEIN'
2 non-polymer GUANINE
#
_entity_poly.entity_id   1
_entity_poly.type   'polypeptide(L)'
_entity_poly.pdbx_seq_one_letter_code
;MPEPHAVLYVTNELSHIVKDGFLPIWKLTGDESLNDLWLENGKYATDVYAYGDVSKWTIRQLRGHGFIFISTHKNVQLAD
IIKTVDVRIPREVARSHDMKAFENEIGRRRIRMRKGFGDALRNYAFKMAIEFHGSEAETLNDANPRLHKIYGMPEIPPLY
MEYAEIGTRFDDEPTDEKLVSMLDYIVYSAEEVHYIGCGDLRTLMQFKKRSPGRFRRVLWHVYDPIAPECSDPNVIVHNI
MVDSKKDILKHMNFLKRVERLFIWDVSSDRSQMNDHEWETTRFAEDRLGEEIAYEMGGAFSSALIKHRIPNSKDEYHCIS
TYLFPQPGADADMYELRNFMRLRGYSHVDRHMHPDASVTKVVSRDVRKMVELYHGRDRGRFLKKRLFEHLHIVRKNGLLH
ESDEPRADLFYLTNRCNMGLEPSIYEVMKKSVIATAWVGRAPLYDYDDFALPRSTVMLNGSYRDIRILDGNGAILFLMWR
YPDIVKKDLTYDPAWAMNFAVSLKEPIPDPPVPDISLCRFIGLRVESSVLRVRNPTLHETADELKRMGLDLSGHLYVTLM
SGAYVTDLFWWFKMILDWSAQNREQKLRDLKRSAAEVIEWKEQMAERPWHVRNDLIAALREYKRKMGMREGASIDSWLEL
LRHL
;
_entity_poly.pdbx_strand_id   A
#
# COMPACT_ATOMS: atom_id res chain seq x y z
N PRO A 2 1.71 -17.14 -12.41
CA PRO A 2 1.36 -18.01 -13.53
C PRO A 2 2.48 -18.98 -13.86
N GLU A 3 3.71 -18.54 -13.61
CA GLU A 3 4.91 -19.28 -13.97
C GLU A 3 5.98 -18.98 -12.91
N PRO A 4 6.16 -17.65 -12.61
CA PRO A 4 7.23 -17.08 -11.80
C PRO A 4 7.38 -17.76 -10.47
N HIS A 5 8.59 -18.17 -10.15
CA HIS A 5 8.81 -18.81 -8.86
C HIS A 5 9.75 -18.05 -7.97
N ALA A 6 9.95 -18.60 -6.78
CA ALA A 6 11.05 -18.18 -5.93
C ALA A 6 11.95 -19.40 -5.64
N VAL A 7 13.22 -19.09 -5.42
CA VAL A 7 14.18 -20.05 -4.89
C VAL A 7 14.15 -19.95 -3.35
N LEU A 8 13.50 -20.93 -2.75
CA LEU A 8 13.53 -20.99 -1.32
C LEU A 8 14.89 -21.48 -0.85
N TYR A 9 15.81 -20.50 -0.78
CA TYR A 9 17.16 -20.73 -0.27
C TYR A 9 17.27 -20.91 1.27
N VAL A 10 17.82 -22.06 1.65
CA VAL A 10 18.01 -22.43 3.03
C VAL A 10 19.50 -22.50 3.35
N THR A 11 19.85 -22.32 4.62
CA THR A 11 21.23 -22.46 5.04
C THR A 11 21.51 -23.86 5.61
N ASN A 12 22.78 -24.28 5.42
CA ASN A 12 23.24 -25.66 5.57
C ASN A 12 22.49 -26.58 6.51
N GLU A 13 22.28 -26.13 7.74
CA GLU A 13 21.68 -26.95 8.80
C GLU A 13 20.24 -27.33 8.48
N LEU A 14 19.59 -26.59 7.58
CA LEU A 14 18.22 -26.92 7.21
C LEU A 14 18.13 -28.04 6.18
N SER A 15 18.92 -27.92 5.11
CA SER A 15 18.95 -28.81 3.94
C SER A 15 18.36 -30.23 4.04
N HIS A 16 18.77 -31.00 5.03
CA HIS A 16 18.38 -32.40 5.17
C HIS A 16 16.87 -32.67 5.14
N ILE A 17 16.12 -31.76 5.78
CA ILE A 17 14.66 -31.87 5.88
C ILE A 17 13.98 -31.56 4.57
N VAL A 18 14.55 -30.63 3.82
CA VAL A 18 14.02 -30.26 2.54
C VAL A 18 13.92 -31.49 1.66
N LYS A 19 15.04 -32.22 1.51
CA LYS A 19 15.06 -33.48 0.77
C LYS A 19 13.78 -34.34 0.89
N ASP A 20 13.14 -34.23 2.04
CA ASP A 20 11.96 -35.03 2.34
C ASP A 20 10.66 -34.36 1.85
N GLY A 21 10.77 -33.29 1.05
CA GLY A 21 9.60 -32.53 0.57
C GLY A 21 8.94 -33.12 -0.67
N PHE A 22 8.13 -32.32 -1.37
CA PHE A 22 7.54 -32.74 -2.66
C PHE A 22 7.89 -31.78 -3.81
N LEU A 23 8.54 -30.65 -3.47
CA LEU A 23 9.05 -29.63 -4.42
C LEU A 23 10.47 -29.93 -4.91
N PRO A 24 10.80 -29.43 -6.11
CA PRO A 24 12.13 -29.66 -6.66
C PRO A 24 13.27 -29.05 -5.79
N ILE A 25 14.35 -29.82 -5.60
CA ILE A 25 15.56 -29.26 -4.96
C ILE A 25 16.75 -28.91 -5.89
N TRP A 26 17.26 -27.69 -5.76
CA TRP A 26 18.43 -27.24 -6.51
C TRP A 26 19.69 -27.21 -5.65
N LYS A 27 20.72 -27.95 -6.06
CA LYS A 27 21.90 -28.10 -5.23
C LYS A 27 23.12 -27.35 -5.79
N LEU A 28 23.86 -26.67 -4.91
CA LEU A 28 25.14 -26.00 -5.22
C LEU A 28 26.15 -26.43 -4.12
N THR A 29 27.48 -26.26 -4.23
CA THR A 29 28.39 -26.26 -5.40
C THR A 29 28.88 -24.91 -6.00
N GLY A 30 29.36 -24.01 -5.15
CA GLY A 30 29.81 -22.64 -5.54
C GLY A 30 30.56 -22.37 -6.85
N ASP A 31 30.48 -23.31 -7.79
CA ASP A 31 30.97 -23.15 -9.17
C ASP A 31 30.21 -24.09 -10.13
N GLU A 32 29.14 -23.68 -10.82
CA GLU A 32 28.55 -22.33 -10.98
C GLU A 32 29.36 -21.12 -11.38
N SER A 33 29.33 -20.93 -12.70
CA SER A 33 29.52 -19.66 -13.38
C SER A 33 28.21 -18.90 -13.23
N LEU A 34 28.17 -17.68 -13.73
CA LEU A 34 26.93 -16.92 -13.71
C LEU A 34 25.90 -17.58 -14.61
N ASN A 35 26.29 -17.76 -15.88
CA ASN A 35 25.44 -18.39 -16.89
C ASN A 35 25.15 -19.84 -16.57
N ASP A 36 25.58 -20.28 -15.39
CA ASP A 36 25.18 -21.57 -14.89
C ASP A 36 23.88 -21.48 -14.14
N LEU A 37 23.79 -20.51 -13.24
CA LEU A 37 22.59 -20.37 -12.45
C LEU A 37 21.42 -20.17 -13.38
N TRP A 38 21.57 -19.21 -14.30
CA TRP A 38 20.49 -18.81 -15.20
C TRP A 38 19.87 -19.97 -15.98
N LEU A 39 20.68 -20.86 -16.52
CA LEU A 39 20.12 -22.05 -17.18
C LEU A 39 19.47 -23.05 -16.20
N GLU A 40 20.00 -23.16 -14.99
CA GLU A 40 19.46 -24.15 -14.07
C GLU A 40 18.15 -23.62 -13.53
N ASN A 41 18.22 -22.53 -12.76
CA ASN A 41 17.07 -21.85 -12.17
C ASN A 41 15.89 -21.82 -13.12
N GLY A 42 16.17 -21.61 -14.41
CA GLY A 42 15.15 -21.67 -15.46
C GLY A 42 14.45 -23.01 -15.73
N LYS A 43 14.91 -24.06 -15.08
CA LYS A 43 14.28 -25.38 -15.26
C LYS A 43 13.10 -25.57 -14.33
N TYR A 44 13.04 -24.75 -13.30
CA TYR A 44 12.04 -24.93 -12.27
C TYR A 44 10.79 -24.12 -12.60
N ALA A 45 9.75 -24.85 -13.02
CA ALA A 45 8.45 -24.26 -13.32
C ALA A 45 7.57 -23.92 -12.10
N THR A 46 7.92 -24.43 -10.91
CA THR A 46 7.36 -23.95 -9.63
C THR A 46 8.44 -23.40 -8.72
N ASP A 47 8.02 -23.06 -7.50
CA ASP A 47 8.94 -22.69 -6.41
C ASP A 47 9.96 -23.82 -6.16
N VAL A 48 11.20 -23.43 -5.89
CA VAL A 48 12.17 -24.43 -5.56
C VAL A 48 12.82 -24.17 -4.23
N TYR A 49 13.38 -25.25 -3.70
CA TYR A 49 14.29 -25.23 -2.60
C TYR A 49 15.69 -25.32 -3.19
N ALA A 50 16.65 -24.61 -2.62
CA ALA A 50 18.05 -24.67 -3.06
C ALA A 50 18.99 -24.39 -1.90
N TYR A 51 20.08 -25.13 -1.84
CA TYR A 51 21.10 -24.95 -0.80
C TYR A 51 22.51 -24.93 -1.36
N GLY A 52 23.49 -24.95 -0.46
CA GLY A 52 24.90 -24.90 -0.85
C GLY A 52 25.43 -23.50 -1.14
N ASP A 53 26.77 -23.43 -1.26
CA ASP A 53 27.53 -22.18 -1.30
C ASP A 53 27.14 -21.18 -2.40
N VAL A 54 26.89 -19.94 -1.96
CA VAL A 54 26.69 -18.81 -2.86
C VAL A 54 27.43 -17.56 -2.34
N SER A 55 28.74 -17.66 -2.29
CA SER A 55 29.56 -16.61 -1.73
C SER A 55 29.83 -15.59 -2.80
N LYS A 56 29.95 -16.08 -4.04
CA LYS A 56 30.43 -15.29 -5.18
C LYS A 56 29.57 -14.07 -5.52
N TRP A 57 28.32 -14.03 -5.02
CA TRP A 57 27.27 -13.29 -5.68
C TRP A 57 26.73 -12.10 -4.89
N THR A 58 26.34 -11.04 -5.62
CA THR A 58 25.68 -9.89 -5.01
C THR A 58 24.20 -10.17 -4.79
N ILE A 59 23.56 -9.33 -3.99
CA ILE A 59 22.16 -9.57 -3.61
C ILE A 59 21.23 -9.39 -4.79
N ARG A 60 21.30 -8.21 -5.38
CA ARG A 60 20.55 -7.87 -6.58
C ARG A 60 20.55 -9.10 -7.49
N GLN A 61 21.76 -9.51 -7.86
CA GLN A 61 21.97 -10.81 -8.52
C GLN A 61 21.05 -11.89 -7.97
N LEU A 62 20.97 -12.01 -6.65
CA LEU A 62 20.21 -13.12 -6.08
C LEU A 62 18.71 -12.93 -6.08
N ARG A 63 18.26 -11.69 -5.87
CA ARG A 63 16.82 -11.39 -5.93
C ARG A 63 16.27 -11.48 -7.37
N GLY A 64 16.98 -10.91 -8.34
CA GLY A 64 16.61 -11.18 -9.74
C GLY A 64 16.49 -12.66 -10.11
N HIS A 65 17.08 -13.51 -9.28
CA HIS A 65 17.04 -14.91 -9.57
C HIS A 65 15.83 -15.57 -8.91
N GLY A 66 15.27 -14.90 -7.89
CA GLY A 66 14.07 -15.37 -7.16
C GLY A 66 14.31 -15.80 -5.71
N PHE A 67 15.36 -15.25 -5.09
CA PHE A 67 15.83 -15.85 -3.87
C PHE A 67 15.09 -15.37 -2.67
N ILE A 68 14.71 -16.32 -1.81
CA ILE A 68 14.30 -16.03 -0.45
C ILE A 68 15.14 -16.86 0.53
N PHE A 69 15.71 -16.13 1.51
CA PHE A 69 16.77 -16.61 2.37
C PHE A 69 16.11 -16.99 3.65
N ILE A 70 15.98 -18.28 3.83
CA ILE A 70 15.46 -18.87 5.03
C ILE A 70 16.70 -19.41 5.71
N SER A 71 16.67 -19.48 7.03
CA SER A 71 17.79 -19.99 7.81
C SER A 71 17.36 -20.02 9.25
N THR A 72 18.24 -20.53 10.12
CA THR A 72 18.08 -20.31 11.56
C THR A 72 18.85 -19.09 12.00
N HIS A 73 19.94 -18.78 11.30
CA HIS A 73 20.81 -17.66 11.66
C HIS A 73 20.29 -16.34 11.09
N LYS A 74 20.66 -15.22 11.73
CA LYS A 74 20.14 -13.89 11.37
C LYS A 74 20.49 -13.42 9.93
N ASN A 75 21.70 -13.76 9.48
CA ASN A 75 22.16 -13.34 8.15
C ASN A 75 23.13 -14.30 7.44
N VAL A 76 23.32 -14.06 6.15
CA VAL A 76 24.13 -14.95 5.31
C VAL A 76 25.10 -14.15 4.44
N GLN A 77 26.34 -14.61 4.36
CA GLN A 77 27.40 -13.85 3.71
C GLN A 77 27.39 -13.93 2.20
N LEU A 78 27.31 -12.75 1.56
CA LEU A 78 27.32 -12.57 0.10
C LEU A 78 28.58 -11.79 -0.34
N ALA A 79 28.61 -11.33 -1.58
CA ALA A 79 29.76 -10.59 -2.09
C ALA A 79 29.50 -9.10 -1.97
N ASP A 80 28.23 -8.78 -2.11
CA ASP A 80 27.68 -7.44 -1.94
C ASP A 80 27.82 -6.99 -0.49
N ILE A 81 27.06 -7.66 0.39
CA ILE A 81 26.96 -7.33 1.81
C ILE A 81 26.60 -8.58 2.62
N ILE A 82 26.14 -8.39 3.85
CA ILE A 82 25.76 -9.49 4.71
C ILE A 82 24.26 -9.33 4.98
N LYS A 83 23.46 -10.03 4.17
CA LYS A 83 22.00 -9.88 4.10
C LYS A 83 21.28 -10.39 5.32
N THR A 84 20.25 -9.64 5.75
CA THR A 84 19.28 -10.10 6.75
C THR A 84 18.39 -11.15 6.11
N VAL A 85 18.59 -12.39 6.50
CA VAL A 85 17.72 -13.49 6.21
C VAL A 85 16.28 -12.97 6.14
N ASP A 86 15.57 -13.33 5.06
CA ASP A 86 14.14 -12.99 4.96
C ASP A 86 13.33 -13.71 6.04
N VAL A 87 13.59 -15.02 6.20
CA VAL A 87 12.73 -15.89 6.99
C VAL A 87 13.51 -16.60 8.07
N ARG A 88 13.55 -16.03 9.26
CA ARG A 88 14.22 -16.74 10.33
C ARG A 88 13.31 -17.88 10.82
N ILE A 89 13.90 -19.03 11.10
CA ILE A 89 13.19 -20.15 11.73
C ILE A 89 13.52 -20.21 13.23
N PRO A 90 12.51 -20.42 14.11
CA PRO A 90 12.88 -20.68 15.50
C PRO A 90 13.60 -22.03 15.62
N ARG A 91 14.59 -22.10 16.52
CA ARG A 91 15.39 -23.32 16.75
C ARG A 91 14.50 -24.54 16.79
N GLU A 92 13.75 -24.64 17.88
CA GLU A 92 12.88 -25.79 18.23
C GLU A 92 12.07 -26.26 17.03
N VAL A 93 11.61 -25.29 16.22
CA VAL A 93 10.86 -25.60 15.02
C VAL A 93 11.77 -25.77 13.79
N ALA A 94 12.93 -26.41 14.00
CA ALA A 94 13.56 -27.12 12.90
C ALA A 94 12.83 -28.45 12.93
N ARG A 95 13.05 -29.35 13.90
CA ARG A 95 14.25 -29.57 14.73
C ARG A 95 14.19 -30.82 15.66
N SER A 96 13.08 -31.59 15.77
CA SER A 96 11.77 -31.57 15.05
C SER A 96 11.76 -32.04 13.59
N HIS A 97 12.49 -31.34 12.75
CA HIS A 97 12.70 -31.71 11.36
C HIS A 97 11.40 -32.15 10.70
N ASP A 98 10.36 -31.35 10.94
CA ASP A 98 9.10 -31.48 10.27
C ASP A 98 9.20 -30.72 8.95
N MET A 99 8.90 -31.42 7.87
CA MET A 99 8.82 -30.77 6.58
C MET A 99 7.63 -29.82 6.55
N LYS A 100 6.55 -30.20 7.24
CA LYS A 100 5.28 -29.47 7.16
C LYS A 100 5.29 -28.19 7.99
N ALA A 101 5.60 -28.30 9.29
CA ALA A 101 5.64 -27.11 10.16
C ALA A 101 6.71 -26.16 9.63
N PHE A 102 7.68 -26.74 8.96
CA PHE A 102 8.69 -25.95 8.31
C PHE A 102 8.09 -25.21 7.08
N GLU A 103 7.37 -25.95 6.22
CA GLU A 103 6.71 -25.36 5.05
C GLU A 103 5.65 -24.31 5.39
N ASN A 104 4.77 -24.62 6.35
CA ASN A 104 3.86 -23.63 6.95
C ASN A 104 4.57 -22.37 7.43
N GLU A 105 5.63 -22.58 8.25
CA GLU A 105 6.42 -21.48 8.79
C GLU A 105 6.90 -20.53 7.73
N ILE A 106 7.24 -21.09 6.56
CA ILE A 106 7.62 -20.23 5.47
C ILE A 106 6.42 -19.40 5.07
N GLY A 107 5.32 -20.04 4.70
CA GLY A 107 4.15 -19.34 4.20
C GLY A 107 3.76 -18.05 4.91
N ARG A 108 3.59 -18.16 6.22
CA ARG A 108 3.18 -17.04 7.04
C ARG A 108 4.08 -15.86 6.73
N ARG A 109 5.37 -15.95 7.07
CA ARG A 109 6.32 -14.85 6.86
C ARG A 109 6.31 -14.32 5.40
N ARG A 110 5.97 -15.20 4.47
CA ARG A 110 5.83 -14.79 3.08
C ARG A 110 4.66 -13.80 2.89
N ILE A 111 3.53 -14.10 3.53
CA ILE A 111 2.38 -13.19 3.55
C ILE A 111 2.67 -11.92 4.35
N ARG A 112 3.59 -12.03 5.28
CA ARG A 112 4.00 -10.87 6.05
C ARG A 112 4.96 -10.04 5.22
N MET A 113 5.72 -10.71 4.37
CA MET A 113 6.66 -10.06 3.45
C MET A 113 5.99 -9.21 2.39
N ARG A 114 4.81 -9.64 1.94
CA ARG A 114 3.98 -8.83 1.04
C ARG A 114 4.06 -7.37 1.48
N LYS A 115 3.93 -7.11 2.77
CA LYS A 115 3.96 -5.74 3.21
C LYS A 115 5.17 -4.99 2.65
N GLY A 116 6.37 -5.42 3.02
CA GLY A 116 7.61 -4.71 2.67
C GLY A 116 7.72 -4.29 1.21
N PHE A 117 7.28 -5.18 0.32
CA PHE A 117 7.27 -4.86 -1.11
C PHE A 117 6.49 -3.54 -1.34
N GLY A 118 5.17 -3.55 -1.14
CA GLY A 118 4.36 -2.33 -1.26
C GLY A 118 4.76 -1.19 -0.34
N ASP A 119 5.72 -1.41 0.54
CA ASP A 119 6.19 -0.29 1.33
C ASP A 119 7.29 0.45 0.58
N ALA A 120 7.94 -0.24 -0.35
CA ALA A 120 9.02 0.38 -1.07
C ALA A 120 8.43 1.25 -2.13
N LEU A 121 7.54 0.67 -2.93
CA LEU A 121 6.87 1.44 -3.98
C LEU A 121 6.20 2.66 -3.35
N ARG A 122 5.35 2.42 -2.36
CA ARG A 122 4.69 3.46 -1.61
C ARG A 122 5.73 4.45 -1.11
N ASN A 123 6.81 3.94 -0.52
CA ASN A 123 7.76 4.83 0.11
C ASN A 123 8.56 5.66 -0.90
N TYR A 124 8.50 5.24 -2.15
CA TYR A 124 9.05 6.01 -3.23
C TYR A 124 8.06 7.04 -3.70
N ALA A 125 6.81 6.62 -3.80
CA ALA A 125 5.72 7.54 -4.17
C ALA A 125 5.67 8.78 -3.27
N PHE A 126 5.71 8.59 -1.96
CA PHE A 126 5.75 9.72 -1.03
C PHE A 126 7.00 10.61 -1.30
N LYS A 127 7.83 10.18 -2.23
CA LYS A 127 9.08 10.85 -2.56
C LYS A 127 8.86 11.75 -3.72
N MET A 128 8.05 11.27 -4.66
CA MET A 128 7.86 11.94 -5.96
C MET A 128 6.46 12.47 -6.25
N ALA A 129 5.52 12.36 -5.33
CA ALA A 129 4.14 12.68 -5.72
C ALA A 129 3.33 13.50 -4.71
N ILE A 130 2.13 13.92 -5.14
CA ILE A 130 1.17 14.53 -4.25
C ILE A 130 -0.20 13.84 -4.28
N GLU A 131 -0.91 13.91 -5.38
CA GLU A 131 -2.18 13.20 -5.46
C GLU A 131 -1.93 11.71 -5.25
N PHE A 132 -2.95 10.97 -4.81
CA PHE A 132 -2.80 9.58 -4.39
C PHE A 132 -4.07 8.81 -4.60
N HIS A 133 -4.03 7.66 -5.26
CA HIS A 133 -5.30 7.04 -5.65
C HIS A 133 -5.52 5.61 -5.22
N GLY A 134 -6.78 5.32 -4.92
CA GLY A 134 -7.23 4.02 -4.41
C GLY A 134 -6.60 3.68 -3.07
N SER A 135 -6.66 4.65 -2.14
CA SER A 135 -5.85 4.64 -0.93
C SER A 135 -6.58 4.01 0.20
N GLU A 136 -5.86 3.75 1.29
CA GLU A 136 -6.46 3.26 2.52
C GLU A 136 -5.61 3.52 3.73
N ALA A 137 -6.20 3.31 4.90
CA ALA A 137 -5.56 3.50 6.18
C ALA A 137 -4.05 3.43 6.08
N GLU A 138 -3.53 2.38 5.45
CA GLU A 138 -2.08 2.23 5.33
C GLU A 138 -1.47 3.49 4.78
N THR A 139 -2.00 3.99 3.65
CA THR A 139 -1.47 5.19 3.00
C THR A 139 -1.71 6.40 3.88
N LEU A 140 -2.87 6.50 4.48
CA LEU A 140 -3.06 7.59 5.44
C LEU A 140 -1.94 7.51 6.48
N ASN A 141 -1.73 6.31 7.01
CA ASN A 141 -0.82 6.09 8.11
C ASN A 141 0.54 6.72 7.89
N ASP A 142 1.06 6.56 6.68
CA ASP A 142 2.39 7.08 6.38
C ASP A 142 2.42 8.36 5.54
N ALA A 143 1.33 9.13 5.55
CA ALA A 143 1.25 10.31 4.72
C ALA A 143 1.75 11.54 5.46
N ASN A 144 2.17 12.58 4.72
CA ASN A 144 2.21 13.95 5.27
C ASN A 144 0.94 14.71 4.85
N PRO A 145 0.05 14.99 5.83
CA PRO A 145 -1.29 15.49 5.56
C PRO A 145 -1.23 16.86 4.96
N ARG A 146 -0.15 17.60 5.27
CA ARG A 146 0.09 18.95 4.71
C ARG A 146 0.89 18.93 3.39
N LEU A 147 0.84 17.85 2.63
CA LEU A 147 1.54 17.82 1.35
C LEU A 147 0.89 16.85 0.42
N HIS A 148 0.95 15.57 0.77
CA HIS A 148 0.29 14.57 -0.02
C HIS A 148 -1.20 14.82 0.13
N LYS A 149 -1.94 14.53 -0.93
CA LYS A 149 -3.38 14.75 -0.94
C LYS A 149 -3.92 13.41 -1.35
N ILE A 150 -4.63 12.76 -0.43
CA ILE A 150 -4.94 11.33 -0.49
C ILE A 150 -6.37 11.07 -0.89
N TYR A 151 -6.58 10.70 -2.15
CA TYR A 151 -7.89 10.31 -2.61
C TYR A 151 -8.06 8.81 -2.62
N GLY A 152 -9.18 8.38 -3.22
CA GLY A 152 -9.61 6.99 -3.24
C GLY A 152 -11.12 6.81 -3.04
N MET A 153 -11.54 5.55 -2.94
CA MET A 153 -12.92 5.20 -2.68
C MET A 153 -13.00 4.09 -1.60
N PRO A 154 -13.01 4.51 -0.32
CA PRO A 154 -13.15 3.59 0.82
C PRO A 154 -14.55 3.04 0.96
N GLU A 155 -14.66 1.94 1.72
CA GLU A 155 -15.92 1.19 1.92
C GLU A 155 -16.64 1.84 3.07
N ILE A 156 -17.77 2.48 2.78
CA ILE A 156 -18.44 3.38 3.74
C ILE A 156 -19.05 2.67 4.96
N PRO A 157 -18.70 3.15 6.17
CA PRO A 157 -19.15 2.62 7.46
C PRO A 157 -20.65 2.82 7.76
N PRO A 158 -21.13 2.22 8.88
CA PRO A 158 -22.44 2.44 9.47
C PRO A 158 -22.65 3.90 9.87
N LEU A 159 -23.72 4.50 9.36
CA LEU A 159 -23.92 5.93 9.53
C LEU A 159 -25.35 6.32 9.79
N TYR A 160 -25.52 7.39 10.56
CA TYR A 160 -26.82 8.01 10.69
C TYR A 160 -26.78 9.51 10.38
N MET A 161 -27.61 9.89 9.40
CA MET A 161 -27.91 11.29 9.07
C MET A 161 -29.32 11.42 8.46
N GLU A 162 -29.44 12.15 7.35
CA GLU A 162 -30.74 12.43 6.75
C GLU A 162 -31.87 11.39 6.99
N TYR A 163 -31.79 10.09 6.66
CA TYR A 163 -30.72 9.24 6.07
C TYR A 163 -30.43 8.06 7.02
N ALA A 164 -30.56 6.84 6.49
CA ALA A 164 -30.47 5.63 7.30
C ALA A 164 -29.62 4.52 6.64
N GLU A 165 -30.32 3.61 5.91
CA GLU A 165 -29.76 2.44 5.16
C GLU A 165 -29.45 1.14 5.97
N ILE A 166 -28.85 1.31 7.15
CA ILE A 166 -28.29 0.25 8.03
C ILE A 166 -29.05 -1.13 8.06
N GLY A 167 -28.32 -2.25 8.11
CA GLY A 167 -26.87 -2.27 8.30
C GLY A 167 -26.01 -2.13 7.05
N THR A 168 -25.70 -3.27 6.42
CA THR A 168 -25.81 -4.56 7.10
C THR A 168 -24.51 -4.80 7.95
N ARG A 169 -24.49 -5.89 8.71
CA ARG A 169 -23.32 -6.24 9.54
C ARG A 169 -22.23 -6.92 8.70
N PHE A 170 -20.99 -6.79 9.17
CA PHE A 170 -19.82 -7.41 8.57
C PHE A 170 -19.04 -8.02 9.74
N ASP A 171 -18.13 -8.95 9.45
CA ASP A 171 -17.33 -9.57 10.49
C ASP A 171 -16.34 -8.57 11.08
N ASP A 172 -16.10 -8.63 12.38
CA ASP A 172 -15.19 -7.69 13.07
C ASP A 172 -14.51 -8.33 14.30
N GLU A 173 -13.45 -7.67 14.78
CA GLU A 173 -12.61 -8.14 15.89
C GLU A 173 -12.33 -7.03 16.92
N PRO A 174 -11.86 -7.39 18.14
CA PRO A 174 -11.65 -6.37 19.18
C PRO A 174 -10.61 -5.30 18.84
N THR A 175 -10.66 -4.19 19.56
CA THR A 175 -9.65 -3.13 19.41
C THR A 175 -9.36 -2.39 20.70
N ASP A 176 -8.65 -1.28 20.56
CA ASP A 176 -8.33 -0.37 21.65
C ASP A 176 -9.63 0.11 22.30
N GLU A 177 -9.63 0.19 23.64
CA GLU A 177 -10.79 0.70 24.41
C GLU A 177 -11.41 1.96 23.82
N LYS A 178 -12.72 2.10 24.03
CA LYS A 178 -13.51 3.17 23.40
C LYS A 178 -12.74 4.46 23.17
N LEU A 179 -12.20 5.03 24.25
CA LEU A 179 -11.65 6.40 24.27
C LEU A 179 -10.32 6.62 23.54
N VAL A 180 -9.46 5.60 23.52
CA VAL A 180 -8.26 5.71 22.67
C VAL A 180 -8.53 5.22 21.25
N SER A 181 -9.46 4.28 21.13
CA SER A 181 -9.99 3.90 19.82
C SER A 181 -10.74 5.07 19.14
N MET A 182 -10.95 6.14 19.91
CA MET A 182 -11.58 7.34 19.38
C MET A 182 -10.54 8.23 18.71
N LEU A 183 -9.67 8.78 19.54
CA LEU A 183 -8.48 9.47 19.07
C LEU A 183 -7.94 8.85 17.80
N ASP A 184 -7.65 7.55 17.83
CA ASP A 184 -7.04 6.81 16.71
C ASP A 184 -7.60 7.13 15.32
N TYR A 185 -8.92 7.21 15.18
CA TYR A 185 -9.51 7.48 13.88
C TYR A 185 -9.75 8.96 13.63
N ILE A 186 -10.06 9.73 14.69
CA ILE A 186 -10.30 11.15 14.46
C ILE A 186 -9.02 11.91 14.24
N VAL A 187 -7.99 11.71 15.04
CA VAL A 187 -6.70 12.38 14.85
C VAL A 187 -5.93 11.90 13.62
N TYR A 188 -5.79 12.80 12.65
CA TYR A 188 -5.03 12.54 11.45
C TYR A 188 -4.45 13.84 10.93
N SER A 189 -5.30 14.71 10.36
CA SER A 189 -4.86 16.00 9.81
C SER A 189 -5.03 17.19 10.72
N ALA A 190 -5.53 17.02 11.95
CA ALA A 190 -5.63 18.16 12.89
C ALA A 190 -4.23 18.74 13.17
N GLU A 191 -4.11 19.94 13.73
CA GLU A 191 -2.81 20.42 14.18
C GLU A 191 -2.87 20.79 15.63
N GLU A 192 -4.08 21.05 16.10
CA GLU A 192 -4.35 21.58 17.42
C GLU A 192 -5.64 20.89 17.85
N VAL A 193 -5.71 20.46 19.10
CA VAL A 193 -6.94 19.82 19.57
C VAL A 193 -7.36 20.41 20.90
N HIS A 194 -8.57 20.97 20.88
CA HIS A 194 -9.22 21.39 22.10
C HIS A 194 -10.09 20.19 22.36
N TYR A 195 -9.75 19.58 23.48
CA TYR A 195 -10.26 18.32 23.89
C TYR A 195 -11.05 18.75 25.00
N ILE A 196 -12.35 18.77 24.84
CA ILE A 196 -13.13 19.17 25.97
C ILE A 196 -13.59 17.94 26.77
N GLY A 197 -13.39 18.03 28.10
CA GLY A 197 -13.70 16.93 29.01
C GLY A 197 -12.77 15.77 28.77
N CYS A 198 -11.52 15.95 29.16
CA CYS A 198 -10.50 14.94 28.91
C CYS A 198 -10.28 14.05 30.13
N GLY A 199 -10.96 14.37 31.23
CA GLY A 199 -10.93 13.48 32.37
C GLY A 199 -9.64 13.52 33.16
N ASP A 200 -9.03 12.34 33.34
CA ASP A 200 -7.80 12.22 34.12
C ASP A 200 -6.56 12.08 33.23
N LEU A 201 -6.80 12.00 31.93
CA LEU A 201 -5.74 12.01 30.94
C LEU A 201 -5.19 10.64 30.58
N ARG A 202 -5.49 9.65 31.40
CA ARG A 202 -5.08 8.27 31.10
C ARG A 202 -5.38 7.96 29.63
N THR A 203 -6.59 8.30 29.20
CA THR A 203 -6.98 8.23 27.79
C THR A 203 -5.82 8.68 26.88
N LEU A 204 -5.54 9.97 26.88
CA LEU A 204 -4.64 10.53 25.88
C LEU A 204 -3.21 10.02 26.07
N MET A 205 -2.83 9.69 27.30
CA MET A 205 -1.48 9.20 27.52
C MET A 205 -1.29 7.86 26.83
N GLN A 206 -2.29 6.98 26.91
CA GLN A 206 -2.19 5.67 26.26
C GLN A 206 -2.20 5.81 24.75
N PHE A 207 -2.84 6.88 24.28
CA PHE A 207 -2.71 7.30 22.90
C PHE A 207 -1.25 7.62 22.61
N LYS A 208 -0.59 8.33 23.52
CA LYS A 208 0.82 8.61 23.32
C LYS A 208 1.55 7.28 23.30
N LYS A 209 1.25 6.44 24.28
CA LYS A 209 2.05 5.24 24.47
C LYS A 209 1.98 4.28 23.27
N ARG A 210 0.84 4.27 22.56
CA ARG A 210 0.72 3.43 21.36
C ARG A 210 1.07 4.16 20.08
N SER A 211 0.56 5.39 19.93
CA SER A 211 0.69 6.19 18.70
C SER A 211 1.49 7.48 18.98
N PRO A 212 2.82 7.36 19.08
CA PRO A 212 3.64 8.48 19.61
C PRO A 212 3.86 9.64 18.63
N GLY A 213 3.96 9.31 17.34
CA GLY A 213 4.27 10.28 16.30
C GLY A 213 3.21 11.36 16.26
N ARG A 214 1.98 10.93 15.98
CA ARG A 214 0.91 11.87 15.80
C ARG A 214 0.49 12.48 17.11
N PHE A 215 0.95 11.92 18.22
CA PHE A 215 0.69 12.58 19.48
C PHE A 215 1.48 13.88 19.52
N ARG A 216 2.74 13.82 19.11
CA ARG A 216 3.62 14.98 19.16
C ARG A 216 3.44 15.94 17.98
N ARG A 217 3.14 15.40 16.80
CA ARG A 217 2.87 16.23 15.61
C ARG A 217 1.55 17.02 15.78
N VAL A 218 1.01 17.08 17.02
CA VAL A 218 -0.25 17.76 17.32
C VAL A 218 -0.30 18.44 18.68
N LEU A 219 -1.15 19.46 18.80
CA LEU A 219 -1.14 20.29 19.98
C LEU A 219 -2.44 20.17 20.79
N TRP A 220 -2.30 20.03 22.11
CA TRP A 220 -3.41 19.65 22.92
C TRP A 220 -3.73 20.64 24.04
N HIS A 221 -4.87 21.30 23.85
CA HIS A 221 -5.55 21.92 24.94
C HIS A 221 -6.48 20.86 25.38
N VAL A 222 -6.60 20.70 26.68
CA VAL A 222 -7.43 19.67 27.23
C VAL A 222 -8.19 20.29 28.39
N TYR A 223 -9.49 19.98 28.57
CA TYR A 223 -10.24 20.71 29.64
C TYR A 223 -11.02 19.87 30.70
N ASP A 224 -10.54 19.93 31.97
CA ASP A 224 -11.28 19.36 33.09
C ASP A 224 -10.97 19.88 34.58
N PRO A 225 -12.07 20.25 35.34
CA PRO A 225 -12.05 20.48 36.83
C PRO A 225 -11.12 19.53 37.47
N ILE A 226 -10.99 18.07 36.51
CA ILE A 226 -10.30 16.94 37.17
C ILE A 226 -9.06 16.52 36.38
N ALA A 227 -8.57 17.59 35.50
CA ALA A 227 -7.41 17.17 34.69
C ALA A 227 -6.15 17.53 35.44
N PRO A 228 -5.18 16.53 35.52
CA PRO A 228 -3.90 16.76 36.22
C PRO A 228 -2.90 17.55 35.39
N GLU A 229 -1.80 17.98 36.04
CA GLU A 229 -0.71 18.66 35.31
C GLU A 229 0.09 17.59 34.57
N CYS A 230 0.03 17.67 33.21
CA CYS A 230 0.75 16.74 32.35
C CYS A 230 1.98 17.49 31.90
N SER A 231 3.15 16.87 32.23
CA SER A 231 4.45 17.50 32.04
C SER A 231 4.74 17.76 30.55
N ASP A 232 4.14 16.97 29.67
CA ASP A 232 4.30 17.16 28.21
C ASP A 232 4.20 18.61 27.73
N PRO A 233 5.07 19.01 26.77
CA PRO A 233 5.14 20.38 26.28
C PRO A 233 4.34 20.61 24.98
N ASN A 234 3.56 19.61 24.57
CA ASN A 234 2.63 19.86 23.50
C ASN A 234 1.24 19.70 24.08
N VAL A 235 1.16 20.00 25.36
CA VAL A 235 -0.04 19.83 26.15
C VAL A 235 -0.16 21.02 27.10
N ILE A 236 -1.07 21.92 26.76
CA ILE A 236 -1.35 23.04 27.64
C ILE A 236 -2.70 22.71 28.20
N VAL A 237 -2.69 22.61 29.53
CA VAL A 237 -3.79 22.07 30.29
C VAL A 237 -4.67 23.18 30.82
N HIS A 238 -5.95 22.86 31.01
CA HIS A 238 -6.95 23.81 31.48
C HIS A 238 -7.89 23.12 32.44
N ASN A 239 -7.94 23.71 33.65
CA ASN A 239 -8.79 23.16 34.70
C ASN A 239 -10.27 23.62 34.56
N ILE A 240 -10.29 25.02 34.12
CA ILE A 240 -11.54 25.65 33.69
C ILE A 240 -12.53 24.63 33.06
N MET A 241 -13.74 24.54 33.63
CA MET A 241 -14.87 23.80 33.02
C MET A 241 -15.51 24.64 31.91
N VAL A 242 -16.21 24.02 30.96
CA VAL A 242 -16.75 24.80 29.83
C VAL A 242 -18.26 24.96 29.78
N ASP A 243 -18.71 26.19 30.03
CA ASP A 243 -20.09 26.57 29.73
C ASP A 243 -20.13 27.31 28.39
N SER A 244 -19.17 28.22 28.15
CA SER A 244 -19.18 29.01 26.94
C SER A 244 -18.04 28.72 25.95
N LYS A 245 -18.26 29.13 24.71
CA LYS A 245 -17.26 29.13 23.64
C LYS A 245 -16.13 30.15 23.89
N LYS A 246 -16.22 30.93 24.96
CA LYS A 246 -15.21 31.94 25.25
C LYS A 246 -14.10 31.35 26.13
N ASP A 247 -14.40 30.21 26.74
CA ASP A 247 -13.44 29.47 27.58
C ASP A 247 -12.46 28.65 26.71
N ILE A 248 -12.67 28.67 25.40
CA ILE A 248 -11.73 28.08 24.45
C ILE A 248 -11.07 29.18 23.66
N LEU A 249 -11.93 30.08 23.16
CA LEU A 249 -11.59 31.16 22.23
C LEU A 249 -10.33 31.93 22.56
N LYS A 250 -10.20 32.41 23.79
CA LYS A 250 -9.04 33.19 24.16
C LYS A 250 -7.71 32.43 23.95
N HIS A 251 -7.80 31.11 23.73
CA HIS A 251 -6.64 30.23 23.65
C HIS A 251 -6.43 29.62 22.24
N MET A 252 -6.51 30.47 21.23
CA MET A 252 -6.10 30.10 19.90
C MET A 252 -5.37 31.28 19.27
N ASN A 253 -4.16 31.05 18.81
CA ASN A 253 -3.49 32.01 17.95
C ASN A 253 -4.24 32.13 16.62
N PHE A 254 -4.83 33.31 16.41
CA PHE A 254 -5.55 33.67 15.18
C PHE A 254 -4.70 34.29 14.05
N LEU A 255 -3.53 34.84 14.41
CA LEU A 255 -2.61 35.41 13.44
C LEU A 255 -2.00 34.40 12.47
N LYS A 256 -2.17 33.12 12.79
CA LYS A 256 -1.67 32.06 11.93
C LYS A 256 -2.76 31.02 11.69
N ARG A 257 -2.81 30.57 10.43
CA ARG A 257 -3.62 29.46 9.89
C ARG A 257 -3.33 28.15 10.61
N VAL A 258 -4.35 27.33 10.87
CA VAL A 258 -4.13 25.98 11.41
C VAL A 258 -5.38 25.13 11.40
N GLU A 259 -5.24 23.85 11.05
CA GLU A 259 -6.35 22.91 11.23
C GLU A 259 -6.55 22.68 12.71
N ARG A 260 -7.79 22.84 13.19
CA ARG A 260 -8.09 22.76 14.61
C ARG A 260 -9.20 21.77 14.79
N LEU A 261 -9.13 20.96 15.85
CA LEU A 261 -10.18 19.97 16.10
C LEU A 261 -10.76 19.99 17.47
N PHE A 262 -12.09 19.94 17.47
CA PHE A 262 -12.89 20.08 18.67
C PHE A 262 -13.44 18.71 19.05
N ILE A 263 -13.08 18.29 20.25
CA ILE A 263 -13.38 16.98 20.73
C ILE A 263 -14.16 17.25 22.00
N TRP A 264 -15.35 16.67 22.14
CA TRP A 264 -16.20 16.96 23.31
C TRP A 264 -16.59 15.66 23.97
N ASP A 265 -16.44 15.60 25.29
CA ASP A 265 -16.62 14.34 25.99
C ASP A 265 -17.06 14.56 27.41
N VAL A 266 -18.15 15.28 27.58
CA VAL A 266 -18.35 15.96 28.82
C VAL A 266 -19.48 15.38 29.65
N SER A 267 -19.16 14.86 30.83
CA SER A 267 -20.18 14.24 31.67
C SER A 267 -19.99 14.51 33.19
N SER A 268 -21.10 14.51 33.93
CA SER A 268 -21.10 15.08 35.27
C SER A 268 -21.52 14.06 36.33
N ASP A 269 -22.60 14.42 37.11
CA ASP A 269 -23.03 13.55 38.21
C ASP A 269 -24.54 13.55 38.43
N GLU A 277 -35.48 11.98 40.05
CA GLU A 277 -34.16 12.18 39.34
C GLU A 277 -34.07 11.38 38.00
N TRP A 278 -34.04 12.35 36.91
CA TRP A 278 -33.66 11.91 35.57
C TRP A 278 -32.48 12.74 35.03
N GLU A 279 -31.94 12.30 33.91
CA GLU A 279 -30.79 12.99 33.33
C GLU A 279 -31.12 13.52 31.94
N THR A 280 -31.84 14.65 31.91
CA THR A 280 -31.96 15.46 30.71
C THR A 280 -30.90 16.56 30.84
N THR A 281 -29.80 16.18 31.48
CA THR A 281 -28.60 17.00 31.62
C THR A 281 -27.57 16.37 30.71
N ARG A 282 -27.46 15.04 30.82
CA ARG A 282 -26.71 14.25 29.86
C ARG A 282 -26.99 14.85 28.50
N PHE A 283 -28.25 15.22 28.28
CA PHE A 283 -28.67 15.77 27.00
C PHE A 283 -28.06 17.14 26.74
N ALA A 284 -28.57 18.17 27.42
CA ALA A 284 -28.09 19.55 27.24
C ALA A 284 -26.57 19.75 27.49
N GLU A 285 -25.87 18.64 27.80
CA GLU A 285 -24.42 18.56 27.76
C GLU A 285 -23.95 18.35 26.33
N ASP A 286 -24.41 17.25 25.73
CA ASP A 286 -24.11 16.92 24.33
C ASP A 286 -24.55 18.07 23.46
N ARG A 287 -25.80 18.48 23.63
CA ARG A 287 -26.39 19.60 22.89
C ARG A 287 -25.53 20.86 23.00
N LEU A 288 -25.04 21.16 24.21
CA LEU A 288 -24.07 22.24 24.42
C LEU A 288 -22.75 22.06 23.66
N GLY A 289 -22.15 20.87 23.80
CA GLY A 289 -20.92 20.53 23.08
C GLY A 289 -21.04 20.80 21.61
N GLU A 290 -22.23 20.53 21.08
CA GLU A 290 -22.62 20.88 19.71
C GLU A 290 -22.72 22.38 19.46
N GLU A 291 -23.58 23.07 20.20
CA GLU A 291 -23.73 24.52 20.05
C GLU A 291 -22.40 25.26 20.12
N ILE A 292 -21.46 24.73 20.90
CA ILE A 292 -20.20 25.42 21.13
C ILE A 292 -19.29 25.20 19.95
N ALA A 293 -19.32 23.96 19.44
CA ALA A 293 -18.63 23.64 18.21
C ALA A 293 -19.23 24.54 17.14
N TYR A 294 -20.57 24.65 17.11
CA TYR A 294 -21.23 25.34 16.03
C TYR A 294 -20.76 26.77 15.96
N GLU A 295 -20.93 27.50 17.06
CA GLU A 295 -20.57 28.90 17.11
C GLU A 295 -19.15 29.08 16.61
N MET A 296 -18.36 28.05 16.77
CA MET A 296 -16.96 28.14 16.41
C MET A 296 -16.68 27.60 15.03
N GLY A 297 -17.62 26.82 14.50
CA GLY A 297 -17.56 26.30 13.13
C GLY A 297 -17.19 27.42 12.17
N GLY A 298 -15.95 27.42 11.71
CA GLY A 298 -15.39 28.59 11.04
C GLY A 298 -14.06 28.93 11.65
N ALA A 299 -13.70 28.22 12.71
CA ALA A 299 -12.40 28.27 13.36
C ALA A 299 -11.86 26.87 13.56
N PHE A 300 -12.77 25.90 13.68
CA PHE A 300 -12.40 24.49 13.72
C PHE A 300 -12.61 23.91 12.38
N SER A 301 -11.94 22.82 12.09
CA SER A 301 -12.18 22.18 10.83
C SER A 301 -13.33 21.22 10.97
N SER A 302 -13.59 20.77 12.20
CA SER A 302 -14.52 19.65 12.49
C SER A 302 -14.70 19.34 13.97
N ALA A 303 -15.55 18.38 14.27
CA ALA A 303 -15.69 18.03 15.66
C ALA A 303 -16.17 16.61 15.89
N LEU A 304 -15.68 16.04 16.98
CA LEU A 304 -16.27 14.82 17.49
C LEU A 304 -16.95 15.11 18.82
N ILE A 305 -18.24 15.43 18.70
CA ILE A 305 -19.10 15.63 19.85
C ILE A 305 -19.54 14.29 20.43
N LYS A 306 -19.49 14.17 21.75
CA LYS A 306 -20.07 13.01 22.42
C LYS A 306 -21.58 13.06 22.17
N HIS A 307 -22.21 11.88 22.05
CA HIS A 307 -23.62 11.81 21.73
C HIS A 307 -24.23 10.55 22.31
N ARG A 308 -24.66 10.59 23.57
CA ARG A 308 -25.43 9.45 24.11
C ARG A 308 -26.91 9.58 23.82
N ILE A 309 -27.55 8.43 23.67
CA ILE A 309 -28.92 8.31 23.23
C ILE A 309 -29.90 8.16 24.39
N PRO A 310 -30.95 8.99 24.42
CA PRO A 310 -31.89 9.06 25.57
C PRO A 310 -32.97 7.98 25.60
N ASN A 311 -33.50 7.70 26.79
CA ASN A 311 -34.58 6.72 26.93
C ASN A 311 -35.94 7.34 26.61
N SER A 312 -36.15 8.55 27.13
CA SER A 312 -37.45 9.21 27.10
C SER A 312 -37.91 9.44 25.67
N LYS A 313 -37.06 10.14 24.91
CA LYS A 313 -37.35 10.59 23.54
C LYS A 313 -37.38 9.45 22.51
N ASP A 314 -38.45 9.41 21.72
CA ASP A 314 -38.56 8.52 20.55
C ASP A 314 -37.92 9.15 19.32
N GLU A 315 -38.05 10.47 19.22
CA GLU A 315 -37.28 11.28 18.28
C GLU A 315 -36.78 12.57 18.92
N TYR A 316 -35.64 13.06 18.42
CA TYR A 316 -35.04 14.29 18.91
C TYR A 316 -34.17 14.93 17.84
N HIS A 317 -33.58 16.07 18.18
CA HIS A 317 -32.76 16.82 17.24
C HIS A 317 -31.33 17.02 17.73
N CYS A 318 -30.48 17.49 16.83
CA CYS A 318 -29.06 17.69 17.08
C CYS A 318 -28.48 18.35 15.85
N ILE A 319 -27.29 18.89 15.99
CA ILE A 319 -26.53 19.34 14.85
C ILE A 319 -25.60 18.17 14.52
N SER A 320 -25.49 17.81 13.25
CA SER A 320 -24.74 16.60 12.85
C SER A 320 -24.25 16.73 11.43
N THR A 321 -23.07 16.17 11.18
CA THR A 321 -22.74 15.72 9.84
C THR A 321 -23.12 14.21 9.81
N TYR A 322 -22.49 13.44 10.71
CA TYR A 322 -22.75 12.01 10.89
C TYR A 322 -22.97 11.61 12.34
N LEU A 323 -23.59 10.46 12.49
CA LEU A 323 -23.67 9.79 13.76
C LEU A 323 -23.27 8.33 13.61
N PHE A 324 -22.25 7.90 14.34
CA PHE A 324 -21.86 6.51 14.25
C PHE A 324 -21.46 5.80 15.55
N PRO A 325 -21.40 4.45 15.48
CA PRO A 325 -21.11 3.57 16.59
C PRO A 325 -19.63 3.63 16.90
N GLN A 326 -19.22 3.03 18.02
CA GLN A 326 -17.96 3.35 18.65
C GLN A 326 -17.10 2.13 18.86
N PRO A 327 -16.03 1.96 18.05
CA PRO A 327 -15.13 0.79 18.21
C PRO A 327 -14.68 0.57 19.64
N GLY A 328 -14.49 -0.70 20.01
CA GLY A 328 -13.95 -1.07 21.32
C GLY A 328 -14.90 -0.81 22.48
N ALA A 329 -15.99 -0.09 22.21
CA ALA A 329 -16.99 0.21 23.24
C ALA A 329 -17.83 -1.00 23.56
N ASP A 330 -18.07 -1.21 24.85
CA ASP A 330 -18.96 -2.26 25.35
C ASP A 330 -20.30 -2.32 24.61
N ALA A 331 -20.93 -3.50 24.62
CA ALA A 331 -22.22 -3.76 23.95
C ALA A 331 -23.34 -2.87 24.50
N ASP A 332 -23.43 -2.79 25.82
CA ASP A 332 -24.38 -1.90 26.51
C ASP A 332 -24.04 -0.41 26.43
N MET A 333 -22.87 -0.05 25.87
CA MET A 333 -22.52 1.36 25.77
C MET A 333 -23.52 1.92 24.83
N TYR A 334 -24.48 2.68 25.33
CA TYR A 334 -25.53 3.24 24.46
C TYR A 334 -25.30 4.73 24.08
N GLU A 335 -24.24 4.92 23.29
CA GLU A 335 -23.59 6.21 23.05
C GLU A 335 -22.84 6.20 21.70
N LEU A 336 -23.32 7.04 20.79
CA LEU A 336 -22.71 7.18 19.51
C LEU A 336 -21.82 8.41 19.53
N ARG A 337 -20.84 8.48 18.63
CA ARG A 337 -20.14 9.72 18.48
C ARG A 337 -20.63 10.46 17.27
N ASN A 338 -20.83 11.76 17.47
CA ASN A 338 -21.38 12.64 16.46
C ASN A 338 -20.27 13.39 15.85
N PHE A 339 -20.12 13.18 14.56
CA PHE A 339 -19.20 13.99 13.78
C PHE A 339 -19.85 15.28 13.30
N MET A 340 -19.12 16.38 13.36
CA MET A 340 -19.50 17.59 12.61
C MET A 340 -18.34 18.04 11.77
N ARG A 341 -18.48 17.95 10.46
CA ARG A 341 -17.51 18.62 9.62
C ARG A 341 -17.88 20.11 9.62
N LEU A 342 -16.89 20.98 9.52
CA LEU A 342 -17.16 22.39 9.58
C LEU A 342 -16.34 23.14 8.51
N ARG A 343 -16.50 24.47 8.42
CA ARG A 343 -15.56 25.30 7.64
C ARG A 343 -14.46 25.73 8.61
N GLY A 344 -13.34 26.21 8.08
CA GLY A 344 -12.15 26.54 8.89
C GLY A 344 -10.97 25.82 8.30
N TYR A 345 -9.78 26.41 8.33
CA TYR A 345 -8.68 25.83 7.54
C TYR A 345 -8.43 24.34 7.78
N SER A 346 -8.27 23.61 6.68
CA SER A 346 -8.04 22.20 6.79
C SER A 346 -7.27 21.70 5.59
N HIS A 347 -6.21 20.93 5.83
CA HIS A 347 -5.34 20.35 4.78
C HIS A 347 -5.99 19.18 4.06
N VAL A 348 -7.14 18.75 4.56
CA VAL A 348 -8.02 17.78 3.90
C VAL A 348 -9.39 18.42 3.60
N ASP A 349 -9.74 18.49 2.32
CA ASP A 349 -11.01 19.01 1.81
C ASP A 349 -12.12 18.01 2.04
N ARG A 350 -13.09 18.37 2.87
CA ARG A 350 -14.13 17.43 3.26
C ARG A 350 -15.51 17.90 2.76
N HIS A 351 -15.54 18.92 1.93
CA HIS A 351 -16.82 19.39 1.37
C HIS A 351 -17.71 18.29 0.75
N MET A 352 -17.21 17.07 0.57
CA MET A 352 -18.12 15.95 0.28
C MET A 352 -19.03 15.75 1.48
N HIS A 353 -18.44 15.46 2.64
CA HIS A 353 -19.17 15.31 3.90
C HIS A 353 -19.93 16.60 4.23
N PRO A 354 -21.27 16.53 4.18
CA PRO A 354 -22.24 17.63 4.31
C PRO A 354 -22.05 18.52 5.53
N ASP A 355 -22.23 19.82 5.31
CA ASP A 355 -22.01 20.89 6.29
C ASP A 355 -22.91 20.76 7.53
N ALA A 356 -22.37 20.23 8.64
CA ALA A 356 -23.16 19.89 9.84
C ALA A 356 -24.41 20.72 10.09
N SER A 357 -25.57 20.07 10.01
CA SER A 357 -26.87 20.74 10.15
C SER A 357 -27.75 20.18 11.28
N VAL A 358 -28.99 20.67 11.41
CA VAL A 358 -29.97 20.06 12.33
C VAL A 358 -30.45 18.69 11.79
N THR A 359 -30.58 17.71 12.67
CA THR A 359 -30.78 16.36 12.24
C THR A 359 -31.85 15.75 13.12
N LYS A 360 -32.93 15.26 12.51
CA LYS A 360 -33.96 14.51 13.24
C LYS A 360 -33.49 13.06 13.39
N VAL A 361 -33.34 12.56 14.62
CA VAL A 361 -32.97 11.15 14.83
C VAL A 361 -34.01 10.35 15.62
N VAL A 362 -34.20 9.09 15.23
CA VAL A 362 -35.16 8.21 15.89
C VAL A 362 -34.40 7.32 16.83
N SER A 363 -34.73 7.40 18.11
CA SER A 363 -33.98 6.69 19.13
C SER A 363 -33.79 5.23 18.78
N ARG A 364 -34.88 4.56 18.40
CA ARG A 364 -34.83 3.13 18.09
C ARG A 364 -33.87 2.75 16.96
N ASP A 365 -33.63 3.67 16.03
CA ASP A 365 -32.68 3.44 14.91
C ASP A 365 -31.24 3.66 15.34
N VAL A 366 -31.06 4.48 16.36
CA VAL A 366 -29.76 4.62 16.96
C VAL A 366 -29.58 3.37 17.80
N ARG A 367 -30.63 3.09 18.56
CA ARG A 367 -30.71 1.95 19.43
C ARG A 367 -30.25 0.69 18.71
N LYS A 368 -30.62 0.59 17.43
CA LYS A 368 -30.23 -0.53 16.58
C LYS A 368 -28.78 -0.47 16.21
N MET A 369 -28.23 0.74 16.04
CA MET A 369 -26.86 0.83 15.61
C MET A 369 -25.93 0.26 16.65
N VAL A 370 -26.12 0.74 17.88
CA VAL A 370 -25.45 0.18 19.04
C VAL A 370 -25.58 -1.34 19.06
N GLU A 371 -26.82 -1.82 18.92
CA GLU A 371 -27.15 -3.25 18.92
C GLU A 371 -26.35 -4.05 17.91
N LEU A 372 -26.19 -3.51 16.72
CA LEU A 372 -25.46 -4.20 15.67
C LEU A 372 -23.92 -4.15 15.76
N TYR A 373 -23.37 -3.01 16.16
CA TYR A 373 -21.95 -2.75 15.88
C TYR A 373 -21.05 -2.64 17.11
N HIS A 374 -21.67 -2.41 18.26
CA HIS A 374 -20.97 -2.38 19.52
C HIS A 374 -20.69 -3.80 20.03
N GLY A 375 -19.77 -3.88 20.97
CA GLY A 375 -19.27 -5.13 21.49
C GLY A 375 -17.82 -4.85 21.84
N ARG A 376 -17.36 -5.40 22.95
CA ARG A 376 -15.96 -5.33 23.31
C ARG A 376 -15.19 -5.88 22.13
N ASP A 377 -15.59 -7.08 21.70
CA ASP A 377 -14.87 -7.85 20.68
C ASP A 377 -15.21 -7.49 19.22
N ARG A 378 -15.60 -6.25 19.01
CA ARG A 378 -15.82 -5.73 17.69
C ARG A 378 -15.15 -4.36 17.63
N GLY A 379 -15.00 -3.82 16.42
CA GLY A 379 -14.43 -2.49 16.22
C GLY A 379 -13.27 -2.38 15.25
N ARG A 380 -12.30 -3.28 15.37
CA ARG A 380 -11.10 -3.21 14.54
C ARG A 380 -11.45 -2.77 13.11
N PHE A 381 -12.29 -3.54 12.42
CA PHE A 381 -12.65 -3.21 11.05
C PHE A 381 -13.57 -2.02 10.91
N LEU A 382 -14.43 -1.79 11.90
CA LEU A 382 -15.19 -0.53 11.91
C LEU A 382 -14.20 0.64 11.95
N LYS A 383 -13.39 0.73 13.01
CA LYS A 383 -12.48 1.86 13.20
C LYS A 383 -11.75 2.28 11.92
N LYS A 384 -11.13 1.29 11.25
CA LYS A 384 -10.52 1.51 9.96
C LYS A 384 -11.48 2.27 9.07
N ARG A 385 -12.62 1.67 8.78
CA ARG A 385 -13.53 2.27 7.82
C ARG A 385 -13.81 3.73 8.17
N LEU A 386 -13.97 4.00 9.46
CA LEU A 386 -14.22 5.35 9.95
C LEU A 386 -13.05 6.25 9.59
N PHE A 387 -11.86 5.81 9.97
CA PHE A 387 -10.66 6.52 9.65
C PHE A 387 -10.61 6.98 8.23
N GLU A 388 -10.61 6.02 7.29
CA GLU A 388 -10.59 6.34 5.87
C GLU A 388 -11.71 7.34 5.56
N HIS A 389 -12.94 6.85 5.51
CA HIS A 389 -14.08 7.70 5.24
C HIS A 389 -13.93 9.11 5.78
N LEU A 390 -13.41 9.27 6.99
CA LEU A 390 -13.26 10.60 7.52
C LEU A 390 -12.24 11.43 6.76
N HIS A 391 -11.06 10.85 6.52
CA HIS A 391 -9.86 11.61 6.11
C HIS A 391 -9.41 11.42 4.66
N ILE A 392 -9.96 10.43 3.96
CA ILE A 392 -9.68 10.31 2.53
C ILE A 392 -10.68 11.16 1.77
N VAL A 393 -10.29 11.62 0.58
CA VAL A 393 -11.18 12.40 -0.26
C VAL A 393 -11.84 11.47 -1.27
N ARG A 394 -13.17 11.41 -1.28
CA ARG A 394 -13.86 10.37 -2.04
C ARG A 394 -13.85 10.63 -3.55
N LYS A 395 -12.75 10.24 -4.19
CA LYS A 395 -12.52 10.53 -5.61
C LYS A 395 -12.08 9.29 -6.39
N ASN A 396 -12.71 9.06 -7.53
CA ASN A 396 -12.44 7.88 -8.35
C ASN A 396 -11.23 8.00 -9.31
N GLY A 397 -10.24 7.14 -9.08
CA GLY A 397 -8.99 7.09 -9.83
C GLY A 397 -9.02 7.36 -11.34
N LEU A 398 -9.63 6.44 -12.11
CA LEU A 398 -9.53 6.47 -13.56
C LEU A 398 -10.22 7.64 -14.14
N LEU A 399 -11.00 8.33 -13.30
CA LEU A 399 -11.83 9.43 -13.73
C LEU A 399 -11.29 10.77 -13.27
N HIS A 400 -10.57 10.78 -12.15
CA HIS A 400 -9.98 12.03 -11.69
C HIS A 400 -8.91 12.54 -12.64
N GLU A 401 -9.11 13.80 -13.03
CA GLU A 401 -8.15 14.52 -13.86
C GLU A 401 -7.38 15.52 -12.98
N SER A 402 -6.08 15.25 -12.86
CA SER A 402 -5.24 15.89 -11.87
C SER A 402 -4.24 16.87 -12.48
N ASP A 403 -3.99 17.96 -11.72
CA ASP A 403 -3.07 19.03 -12.09
C ASP A 403 -1.67 18.73 -11.54
N GLU A 404 -1.65 18.11 -10.36
CA GLU A 404 -0.40 17.80 -9.70
C GLU A 404 0.08 16.41 -10.14
N PRO A 405 1.27 15.98 -9.69
CA PRO A 405 1.71 14.63 -10.00
C PRO A 405 1.18 13.59 -9.01
N ARG A 406 0.99 12.37 -9.50
CA ARG A 406 0.02 11.44 -8.92
C ARG A 406 0.45 9.98 -8.98
N ALA A 407 0.14 9.26 -7.89
CA ALA A 407 0.56 7.86 -7.67
C ALA A 407 -0.66 6.96 -7.65
N ASP A 408 -0.51 5.71 -8.09
CA ASP A 408 -1.67 4.84 -8.34
C ASP A 408 -1.50 3.37 -7.95
N LEU A 409 -1.39 3.15 -6.65
CA LEU A 409 -0.96 1.86 -6.23
C LEU A 409 -2.10 0.98 -5.80
N PHE A 410 -2.19 -0.21 -6.38
CA PHE A 410 -2.81 -1.34 -5.68
C PHE A 410 -4.31 -1.16 -5.53
N TYR A 411 -4.94 -0.80 -6.65
CA TYR A 411 -6.38 -0.60 -6.69
C TYR A 411 -6.77 -0.66 -8.13
N LEU A 412 -5.76 -0.52 -8.98
CA LEU A 412 -6.02 -0.23 -10.37
C LEU A 412 -6.76 -1.41 -10.96
N THR A 413 -6.20 -2.61 -10.80
CA THR A 413 -6.74 -3.84 -11.38
C THR A 413 -7.82 -4.53 -10.55
N ASN A 414 -8.64 -3.76 -9.86
CA ASN A 414 -9.63 -4.32 -8.96
C ASN A 414 -10.84 -4.75 -9.75
N ARG A 415 -11.55 -5.76 -9.25
CA ARG A 415 -12.57 -6.44 -10.03
C ARG A 415 -13.70 -5.49 -10.38
N CYS A 416 -13.77 -4.36 -9.68
CA CYS A 416 -14.81 -3.37 -9.92
C CYS A 416 -14.52 -2.52 -11.14
N ASN A 417 -13.25 -2.51 -11.57
CA ASN A 417 -12.77 -1.75 -12.72
C ASN A 417 -12.76 -2.56 -14.00
N MET A 418 -13.25 -3.78 -13.90
CA MET A 418 -13.09 -4.78 -14.95
C MET A 418 -13.81 -4.35 -16.20
N GLY A 419 -13.16 -4.55 -17.35
CA GLY A 419 -13.65 -4.09 -18.63
C GLY A 419 -13.11 -2.73 -19.02
N LEU A 420 -12.99 -1.83 -18.05
CA LEU A 420 -12.66 -0.44 -18.33
C LEU A 420 -11.16 -0.32 -18.61
N GLU A 421 -10.62 -1.35 -19.25
CA GLU A 421 -9.18 -1.47 -19.56
C GLU A 421 -8.58 -0.18 -20.11
N PRO A 422 -9.17 0.39 -21.17
CA PRO A 422 -8.47 1.56 -21.73
C PRO A 422 -8.09 2.58 -20.63
N SER A 423 -9.09 3.07 -19.90
CA SER A 423 -8.88 4.05 -18.85
C SER A 423 -7.66 3.70 -18.00
N ILE A 424 -7.51 2.41 -17.67
CA ILE A 424 -6.34 1.94 -16.91
C ILE A 424 -5.01 2.36 -17.51
N TYR A 425 -4.76 1.97 -18.75
CA TYR A 425 -3.52 2.40 -19.41
C TYR A 425 -3.35 3.92 -19.37
N GLU A 426 -4.45 4.64 -19.54
CA GLU A 426 -4.40 6.07 -19.59
C GLU A 426 -3.71 6.56 -18.35
N VAL A 427 -4.07 5.93 -17.22
CA VAL A 427 -3.47 6.21 -15.93
C VAL A 427 -1.99 5.82 -15.92
N MET A 428 -1.64 4.68 -16.50
CA MET A 428 -0.24 4.28 -16.49
C MET A 428 0.57 4.94 -17.63
N LYS A 429 -0.04 5.89 -18.33
CA LYS A 429 0.68 6.64 -19.35
C LYS A 429 1.31 7.89 -18.74
N LYS A 430 0.96 8.19 -17.50
CA LYS A 430 1.12 9.54 -17.00
C LYS A 430 1.20 9.60 -15.48
N SER A 431 1.10 8.46 -14.82
CA SER A 431 1.28 8.46 -13.39
C SER A 431 2.78 8.43 -13.12
N VAL A 432 3.16 8.91 -11.94
CA VAL A 432 4.51 8.71 -11.39
C VAL A 432 4.71 7.20 -11.21
N ILE A 433 3.76 6.55 -10.53
CA ILE A 433 3.91 5.13 -10.18
C ILE A 433 2.58 4.42 -10.04
N ALA A 434 2.41 3.33 -10.76
CA ALA A 434 1.18 2.58 -10.63
C ALA A 434 1.41 1.09 -10.90
N THR A 435 0.49 0.25 -10.43
CA THR A 435 0.68 -1.19 -10.48
C THR A 435 -0.56 -1.99 -10.89
N ALA A 436 -0.33 -2.99 -11.76
CA ALA A 436 -1.38 -3.90 -12.32
C ALA A 436 -1.17 -5.39 -12.06
N TRP A 437 -2.21 -6.04 -11.57
CA TRP A 437 -2.15 -7.49 -11.36
C TRP A 437 -2.09 -8.22 -12.71
N VAL A 438 -1.08 -9.05 -12.86
CA VAL A 438 -0.83 -9.75 -14.09
C VAL A 438 -0.62 -11.23 -13.79
N GLY A 439 -0.80 -11.62 -12.53
CA GLY A 439 -0.57 -13.01 -12.12
C GLY A 439 -1.69 -13.96 -12.47
N ARG A 440 -1.34 -15.16 -12.89
CA ARG A 440 -2.32 -16.09 -13.45
C ARG A 440 -2.58 -17.32 -12.60
N ALA A 441 -2.04 -17.34 -11.39
CA ALA A 441 -2.31 -18.44 -10.44
C ALA A 441 -3.55 -18.14 -9.55
N PRO A 442 -3.88 -19.02 -8.58
CA PRO A 442 -5.28 -19.25 -8.08
C PRO A 442 -6.27 -18.14 -7.62
N LEU A 443 -5.89 -16.99 -7.03
CA LEU A 443 -4.74 -16.71 -6.19
C LEU A 443 -5.30 -15.71 -5.18
N TYR A 444 -5.00 -15.99 -3.91
CA TYR A 444 -5.87 -15.70 -2.79
C TYR A 444 -5.45 -14.46 -1.97
N ASP A 445 -6.32 -14.07 -1.02
CA ASP A 445 -6.28 -12.74 -0.34
C ASP A 445 -6.15 -11.60 -1.37
N TYR A 446 -6.12 -12.00 -2.64
CA TYR A 446 -6.16 -11.05 -3.72
C TYR A 446 -7.31 -11.24 -4.70
N ASP A 447 -8.18 -10.23 -4.68
CA ASP A 447 -9.39 -10.14 -5.45
C ASP A 447 -9.21 -9.34 -6.76
N ASP A 448 -7.98 -9.21 -7.25
CA ASP A 448 -7.74 -8.49 -8.53
C ASP A 448 -7.91 -9.38 -9.75
N PHE A 449 -7.75 -8.80 -10.95
CA PHE A 449 -7.77 -9.56 -12.20
C PHE A 449 -6.55 -9.19 -13.04
N ALA A 450 -6.09 -10.13 -13.86
CA ALA A 450 -4.82 -9.98 -14.55
C ALA A 450 -4.93 -9.25 -15.87
N LEU A 451 -3.95 -8.42 -16.17
CA LEU A 451 -3.77 -7.92 -17.53
C LEU A 451 -2.80 -8.83 -18.25
N PRO A 452 -3.10 -9.19 -19.51
CA PRO A 452 -2.19 -9.87 -20.42
C PRO A 452 -0.83 -9.19 -20.45
N ARG A 453 0.23 -9.96 -20.20
CA ARG A 453 1.55 -9.35 -19.96
C ARG A 453 2.16 -8.71 -21.22
N SER A 454 2.00 -9.36 -22.36
CA SER A 454 2.33 -8.74 -23.63
C SER A 454 1.65 -7.37 -23.76
N THR A 455 0.33 -7.30 -23.60
CA THR A 455 -0.42 -6.04 -23.74
C THR A 455 0.06 -4.99 -22.76
N VAL A 456 0.47 -5.44 -21.58
CA VAL A 456 1.05 -4.53 -20.64
C VAL A 456 2.35 -4.04 -21.25
N MET A 457 3.30 -4.94 -21.47
CA MET A 457 4.61 -4.56 -22.08
C MET A 457 4.56 -3.56 -23.23
N LEU A 458 3.65 -3.79 -24.16
CA LEU A 458 3.50 -2.95 -25.34
C LEU A 458 2.79 -1.59 -25.09
N ASN A 459 1.76 -1.58 -24.28
CA ASN A 459 1.06 -0.32 -24.05
C ASN A 459 1.81 0.54 -23.06
N GLY A 460 2.54 -0.14 -22.18
CA GLY A 460 3.19 0.48 -21.03
C GLY A 460 4.29 1.44 -21.39
N SER A 461 5.17 1.05 -22.30
CA SER A 461 6.46 1.74 -22.49
C SER A 461 6.38 3.01 -23.32
N TYR A 462 6.72 4.14 -22.68
CA TYR A 462 6.80 5.46 -23.35
C TYR A 462 8.11 6.07 -22.94
N ARG A 463 8.63 7.02 -23.74
CA ARG A 463 9.92 7.65 -23.41
C ARG A 463 10.09 7.79 -21.89
N ASP A 464 9.22 8.62 -21.31
CA ASP A 464 9.20 8.89 -19.87
C ASP A 464 8.83 7.67 -19.01
N ILE A 465 8.01 6.76 -19.55
CA ILE A 465 7.41 5.73 -18.73
C ILE A 465 8.04 4.35 -18.90
N ARG A 466 8.66 3.95 -17.79
CA ARG A 466 9.42 2.71 -17.62
C ARG A 466 8.45 1.66 -17.05
N ILE A 467 8.41 0.49 -17.66
CA ILE A 467 7.36 -0.50 -17.39
C ILE A 467 7.90 -1.87 -16.96
N LEU A 468 8.17 -2.05 -15.67
CA LEU A 468 8.71 -3.34 -15.21
C LEU A 468 7.74 -4.14 -14.38
N ASP A 469 8.02 -5.44 -14.28
CA ASP A 469 7.37 -6.28 -13.28
C ASP A 469 7.92 -5.92 -11.89
N GLY A 470 7.16 -6.28 -10.86
CA GLY A 470 7.42 -5.81 -9.50
C GLY A 470 8.85 -5.99 -9.06
N ASN A 471 9.42 -7.16 -9.38
CA ASN A 471 10.80 -7.40 -9.01
C ASN A 471 11.75 -6.47 -9.75
N GLY A 472 11.68 -6.48 -11.08
CA GLY A 472 12.45 -5.52 -11.91
C GLY A 472 12.34 -4.15 -11.29
N ALA A 473 11.09 -3.74 -11.12
CA ALA A 473 10.69 -2.46 -10.52
C ALA A 473 11.49 -2.20 -9.29
N ILE A 474 11.43 -3.13 -8.33
CA ILE A 474 12.22 -3.02 -7.10
C ILE A 474 13.74 -2.91 -7.41
N LEU A 475 14.27 -3.86 -8.18
CA LEU A 475 15.69 -3.86 -8.48
C LEU A 475 16.14 -2.51 -8.94
N PHE A 476 15.41 -2.02 -9.93
CA PHE A 476 15.56 -0.66 -10.38
C PHE A 476 15.68 0.36 -9.22
N LEU A 477 14.67 0.40 -8.36
CA LEU A 477 14.67 1.39 -7.28
C LEU A 477 15.87 1.22 -6.38
N MET A 478 16.28 -0.02 -6.15
CA MET A 478 17.48 -0.30 -5.35
C MET A 478 18.64 0.41 -6.01
N TRP A 479 18.73 0.25 -7.32
CA TRP A 479 19.90 0.60 -8.11
C TRP A 479 19.98 2.07 -8.44
N ARG A 480 18.84 2.73 -8.56
CA ARG A 480 18.87 4.14 -8.91
C ARG A 480 18.79 5.02 -7.66
N TYR A 481 17.75 4.82 -6.85
CA TYR A 481 17.61 5.48 -5.53
C TYR A 481 17.93 4.50 -4.40
N PRO A 482 19.23 4.25 -4.17
CA PRO A 482 19.62 3.28 -3.14
C PRO A 482 19.04 3.57 -1.76
N ASP A 483 18.72 4.82 -1.45
CA ASP A 483 18.07 5.07 -0.17
C ASP A 483 16.67 5.60 -0.20
N ILE A 484 15.99 5.40 -1.33
CA ILE A 484 14.57 5.17 -1.20
C ILE A 484 14.41 3.67 -0.95
N VAL A 485 14.99 2.84 -1.83
CA VAL A 485 14.88 1.40 -1.64
C VAL A 485 16.18 0.77 -1.17
N LYS A 486 16.20 0.38 0.11
CA LYS A 486 17.41 -0.18 0.70
C LYS A 486 17.70 -1.45 -0.05
N LYS A 487 18.86 -2.03 0.22
CA LYS A 487 19.23 -3.28 -0.42
C LYS A 487 18.87 -4.45 0.49
N ASP A 488 19.02 -4.23 1.78
CA ASP A 488 18.74 -5.29 2.77
C ASP A 488 17.25 -5.57 2.95
N LEU A 489 16.41 -4.58 2.67
CA LEU A 489 14.97 -4.81 2.50
C LEU A 489 14.59 -6.27 2.33
N THR A 490 13.66 -6.76 3.14
CA THR A 490 13.13 -8.08 2.87
C THR A 490 11.84 -7.98 2.05
N TYR A 491 11.71 -8.87 1.05
CA TYR A 491 10.51 -8.95 0.20
C TYR A 491 10.46 -10.27 -0.55
N ASP A 492 9.30 -10.64 -1.07
CA ASP A 492 9.21 -11.91 -1.77
C ASP A 492 9.07 -11.69 -3.28
N PRO A 493 10.20 -11.81 -4.03
CA PRO A 493 10.27 -11.55 -5.47
C PRO A 493 9.14 -12.18 -6.30
N ALA A 494 8.86 -13.47 -6.07
CA ALA A 494 7.71 -14.14 -6.70
C ALA A 494 6.48 -13.22 -6.70
N TRP A 495 6.05 -12.79 -5.52
CA TRP A 495 4.92 -11.89 -5.38
C TRP A 495 5.14 -10.56 -6.07
N ALA A 496 6.34 -10.01 -5.92
CA ALA A 496 6.68 -8.81 -6.63
C ALA A 496 6.41 -9.05 -8.10
N MET A 497 6.59 -10.29 -8.56
CA MET A 497 6.40 -10.62 -9.98
C MET A 497 4.95 -10.91 -10.41
N ASN A 498 4.01 -10.69 -9.50
CA ASN A 498 2.59 -10.69 -9.84
C ASN A 498 2.11 -9.32 -10.29
N PHE A 499 2.93 -8.31 -10.03
CA PHE A 499 2.55 -6.94 -10.36
C PHE A 499 3.30 -6.37 -11.54
N ALA A 500 2.59 -5.73 -12.44
CA ALA A 500 3.26 -4.89 -13.40
C ALA A 500 3.26 -3.54 -12.75
N VAL A 501 4.43 -2.88 -12.83
CA VAL A 501 4.72 -1.61 -12.19
C VAL A 501 5.15 -0.68 -13.27
N SER A 502 4.83 0.58 -13.12
CA SER A 502 5.18 1.59 -14.11
C SER A 502 5.64 2.82 -13.35
N LEU A 503 6.72 3.42 -13.86
CA LEU A 503 7.32 4.59 -13.24
C LEU A 503 7.61 5.67 -14.27
N LYS A 504 7.36 6.93 -13.87
CA LYS A 504 7.82 8.11 -14.61
C LYS A 504 9.29 8.24 -14.31
N GLU A 505 10.07 7.54 -15.10
CA GLU A 505 11.49 7.35 -14.86
C GLU A 505 12.27 7.17 -16.17
N PRO A 506 13.07 8.19 -16.52
CA PRO A 506 13.87 8.23 -17.70
C PRO A 506 14.71 6.97 -17.90
N ILE A 507 14.97 6.62 -19.17
CA ILE A 507 15.91 5.57 -19.53
C ILE A 507 17.35 5.97 -19.17
N PRO A 508 18.08 5.06 -18.51
CA PRO A 508 19.51 5.24 -18.29
C PRO A 508 20.32 5.68 -19.52
N ASP A 509 21.25 6.57 -19.23
CA ASP A 509 22.29 6.97 -20.14
C ASP A 509 23.57 6.49 -19.44
N PRO A 510 24.22 5.45 -19.98
CA PRO A 510 23.89 4.65 -21.15
C PRO A 510 23.00 3.45 -20.80
N PRO A 511 22.06 3.06 -21.70
CA PRO A 511 21.06 2.02 -21.49
C PRO A 511 21.62 0.63 -21.19
N VAL A 512 22.37 0.51 -20.09
CA VAL A 512 22.99 -0.74 -19.67
C VAL A 512 21.98 -1.90 -19.42
N PRO A 513 22.34 -3.15 -19.75
CA PRO A 513 21.44 -4.27 -19.52
C PRO A 513 21.33 -4.76 -18.05
N ASP A 514 20.91 -3.87 -17.15
CA ASP A 514 20.83 -4.18 -15.73
C ASP A 514 19.78 -5.24 -15.40
N ILE A 515 19.86 -5.82 -14.21
CA ILE A 515 18.87 -6.85 -13.86
C ILE A 515 17.49 -6.24 -13.79
N SER A 516 17.37 -5.05 -13.21
CA SER A 516 16.08 -4.40 -13.19
C SER A 516 15.40 -4.71 -14.52
N LEU A 517 16.19 -4.69 -15.60
CA LEU A 517 15.65 -4.91 -16.94
C LEU A 517 15.72 -6.36 -17.43
N CYS A 518 16.93 -6.93 -17.40
CA CYS A 518 17.15 -8.21 -18.08
C CYS A 518 17.31 -9.43 -17.17
N ARG A 519 16.24 -10.18 -16.98
CA ARG A 519 16.28 -11.38 -16.14
C ARG A 519 15.96 -12.62 -16.97
N PHE A 520 14.78 -12.56 -17.58
CA PHE A 520 14.21 -13.62 -18.40
C PHE A 520 14.39 -15.03 -17.87
N ILE A 521 14.18 -15.20 -16.57
CA ILE A 521 14.23 -16.53 -15.98
C ILE A 521 13.25 -17.50 -16.65
N GLY A 522 13.76 -18.66 -17.08
CA GLY A 522 12.95 -19.77 -17.57
C GLY A 522 12.59 -19.66 -19.03
N LEU A 523 13.22 -18.69 -19.70
CA LEU A 523 12.89 -18.38 -21.07
C LEU A 523 13.19 -19.56 -22.00
N ARG A 524 13.94 -20.55 -21.52
CA ARG A 524 14.18 -21.67 -22.41
C ARG A 524 13.05 -22.69 -22.35
N VAL A 525 12.57 -23.00 -21.14
CA VAL A 525 11.38 -23.85 -20.98
C VAL A 525 10.19 -23.11 -21.58
N GLU A 526 10.11 -21.81 -21.26
CA GLU A 526 9.14 -20.95 -21.89
C GLU A 526 9.11 -20.97 -23.41
N SER A 527 10.27 -21.11 -24.05
CA SER A 527 10.31 -21.18 -25.52
C SER A 527 9.90 -22.54 -26.06
N SER A 528 10.00 -23.59 -25.26
CA SER A 528 9.66 -24.92 -25.79
C SER A 528 8.18 -25.28 -25.71
N VAL A 529 7.58 -24.97 -24.57
CA VAL A 529 6.14 -25.07 -24.40
C VAL A 529 5.46 -24.32 -25.56
N LEU A 530 5.92 -23.10 -25.75
CA LEU A 530 5.46 -22.28 -26.81
C LEU A 530 5.33 -23.09 -28.12
N ARG A 531 6.23 -24.05 -28.34
CA ARG A 531 6.43 -24.63 -29.66
C ARG A 531 5.75 -25.99 -29.85
N VAL A 532 5.45 -26.62 -28.72
CA VAL A 532 4.67 -27.85 -28.74
C VAL A 532 3.18 -27.50 -28.80
N ARG A 533 2.83 -26.35 -28.25
CA ARG A 533 1.45 -25.93 -28.09
C ARG A 533 0.90 -25.08 -29.25
N ASN A 534 1.56 -23.97 -29.51
CA ASN A 534 1.12 -23.00 -30.51
C ASN A 534 2.35 -22.50 -31.29
N PRO A 535 2.99 -23.40 -32.05
CA PRO A 535 4.28 -23.11 -32.63
C PRO A 535 4.14 -22.09 -33.76
N THR A 536 5.21 -21.38 -34.10
CA THR A 536 5.13 -20.33 -35.13
C THR A 536 4.77 -20.86 -36.51
N ASP A 550 19.50 -15.49 -31.54
CA ASP A 550 18.08 -15.79 -31.44
C ASP A 550 17.33 -14.56 -30.99
N LEU A 551 18.09 -13.49 -30.79
CA LEU A 551 17.60 -12.16 -30.45
C LEU A 551 16.33 -11.75 -31.22
N SER A 552 16.14 -12.36 -32.41
CA SER A 552 14.92 -12.22 -33.22
C SER A 552 13.77 -12.99 -32.59
N GLY A 553 13.95 -14.31 -32.45
CA GLY A 553 12.97 -15.18 -31.79
C GLY A 553 12.80 -14.89 -30.31
N HIS A 554 13.87 -14.42 -29.67
CA HIS A 554 13.85 -14.15 -28.24
C HIS A 554 12.80 -13.12 -27.87
N LEU A 555 12.71 -12.04 -28.64
CA LEU A 555 11.74 -10.99 -28.36
C LEU A 555 10.31 -11.50 -28.50
N TYR A 556 10.10 -12.27 -29.57
CA TYR A 556 8.82 -12.91 -29.84
C TYR A 556 8.44 -13.81 -28.68
N VAL A 557 9.36 -14.65 -28.21
CA VAL A 557 9.04 -15.54 -27.10
C VAL A 557 8.52 -14.72 -25.93
N THR A 558 9.33 -13.79 -25.44
CA THR A 558 8.91 -12.86 -24.37
C THR A 558 7.47 -12.39 -24.48
N LEU A 559 7.05 -11.98 -25.68
CA LEU A 559 5.69 -11.47 -25.89
C LEU A 559 4.62 -12.55 -25.89
N MET A 560 4.80 -13.57 -26.73
CA MET A 560 3.86 -14.63 -26.88
C MET A 560 3.69 -15.34 -25.52
N SER A 561 4.75 -15.47 -24.71
CA SER A 561 4.66 -16.13 -23.38
C SER A 561 3.73 -15.46 -22.34
N GLY A 562 3.81 -14.14 -22.24
CA GLY A 562 3.07 -13.47 -21.20
C GLY A 562 3.55 -13.96 -19.86
N ALA A 563 4.68 -14.66 -19.87
CA ALA A 563 5.41 -14.92 -18.64
C ALA A 563 6.09 -13.62 -18.18
N TYR A 564 6.40 -12.71 -19.11
CA TYR A 564 7.31 -11.62 -18.79
C TYR A 564 6.82 -10.19 -18.97
N VAL A 565 7.29 -9.33 -18.07
CA VAL A 565 7.03 -7.87 -18.10
C VAL A 565 8.31 -7.04 -17.98
N THR A 566 8.90 -6.70 -19.13
CA THR A 566 10.04 -5.77 -19.15
C THR A 566 9.72 -4.52 -19.95
N ASP A 567 10.64 -3.57 -19.87
CA ASP A 567 10.53 -2.30 -20.52
C ASP A 567 11.05 -2.39 -21.97
N LEU A 568 10.13 -2.77 -22.86
CA LEU A 568 10.34 -2.76 -24.30
C LEU A 568 11.22 -1.61 -24.80
N PHE A 569 10.79 -0.38 -24.54
CA PHE A 569 11.52 0.80 -24.99
C PHE A 569 13.02 0.70 -24.66
N TRP A 570 13.33 0.81 -23.36
CA TRP A 570 14.71 0.81 -22.89
C TRP A 570 15.49 -0.41 -23.42
N TRP A 571 14.88 -1.58 -23.28
CA TRP A 571 15.52 -2.78 -23.79
C TRP A 571 15.79 -2.69 -25.29
N PHE A 572 14.88 -2.10 -26.07
CA PHE A 572 15.20 -1.76 -27.46
C PHE A 572 16.46 -0.94 -27.46
N LYS A 573 16.43 0.19 -26.76
CA LYS A 573 17.54 1.13 -26.75
C LYS A 573 18.84 0.45 -26.31
N MET A 574 18.71 -0.57 -25.46
CA MET A 574 19.89 -1.26 -24.97
C MET A 574 20.52 -2.11 -26.06
N ILE A 575 19.70 -2.70 -26.93
CA ILE A 575 20.19 -3.58 -28.02
C ILE A 575 20.95 -2.86 -29.12
N LEU A 576 20.32 -1.86 -29.74
CA LEU A 576 20.87 -1.22 -30.93
C LEU A 576 21.92 -0.19 -30.57
N ASP A 577 21.50 0.75 -29.73
CA ASP A 577 22.33 1.86 -29.32
C ASP A 577 23.44 1.49 -28.37
N TRP A 578 23.42 0.25 -27.87
CA TRP A 578 24.39 -0.13 -26.83
C TRP A 578 25.32 -1.37 -27.09
N SER A 579 24.88 -2.34 -27.91
CA SER A 579 25.61 -3.63 -28.05
C SER A 579 25.71 -4.22 -29.48
N ALA A 580 26.74 -3.91 -30.29
CA ALA A 580 27.88 -3.03 -30.00
C ALA A 580 27.41 -1.58 -29.80
N GLN A 581 28.21 -0.67 -29.20
CA GLN A 581 29.54 -0.78 -28.51
C GLN A 581 30.33 -2.09 -28.27
N ASN A 582 31.58 -1.89 -27.79
CA ASN A 582 32.59 -2.97 -27.81
C ASN A 582 32.66 -3.88 -26.58
N ARG A 583 33.78 -4.63 -26.47
CA ARG A 583 34.08 -5.41 -25.27
C ARG A 583 34.62 -4.46 -24.18
N GLU A 584 35.76 -3.85 -24.45
CA GLU A 584 36.34 -2.87 -23.54
C GLU A 584 35.34 -1.77 -23.19
N GLN A 585 34.99 -0.97 -24.20
CA GLN A 585 34.19 0.27 -24.05
C GLN A 585 32.77 0.08 -23.54
N LYS A 586 32.37 -1.17 -23.27
CA LYS A 586 31.02 -1.42 -22.74
C LYS A 586 30.95 -2.15 -21.38
N LEU A 587 31.84 -1.63 -20.38
CA LEU A 587 31.88 -2.38 -19.07
C LEU A 587 32.83 -2.00 -17.90
N ARG A 588 33.78 -1.05 -18.01
CA ARG A 588 33.58 0.30 -18.49
C ARG A 588 32.18 0.76 -18.14
N ASP A 589 31.34 1.06 -19.12
CA ASP A 589 30.11 1.78 -18.80
C ASP A 589 29.11 0.99 -17.93
N LEU A 590 29.61 -0.12 -17.38
CA LEU A 590 28.88 -0.84 -16.38
C LEU A 590 29.32 -0.43 -14.96
N LYS A 591 30.55 0.07 -14.81
CA LYS A 591 31.27 0.05 -13.50
C LYS A 591 30.77 0.79 -12.24
N ARG A 592 30.55 2.12 -12.19
CA ARG A 592 30.24 3.14 -13.23
C ARG A 592 28.75 3.45 -13.08
N SER A 593 27.92 2.72 -13.83
CA SER A 593 26.48 2.81 -13.70
C SER A 593 26.11 1.83 -12.58
N ALA A 594 27.14 1.28 -11.93
CA ALA A 594 26.98 0.31 -10.85
C ALA A 594 25.89 -0.76 -11.16
N ALA A 595 25.75 -1.05 -12.45
CA ALA A 595 24.83 -2.07 -12.95
C ALA A 595 25.29 -3.49 -12.61
N GLU A 596 24.46 -4.48 -12.93
CA GLU A 596 24.85 -5.91 -12.86
C GLU A 596 23.86 -6.86 -13.56
N VAL A 597 24.41 -7.92 -14.16
CA VAL A 597 23.71 -8.73 -15.16
C VAL A 597 23.53 -10.20 -14.70
N ILE A 598 22.81 -11.02 -15.50
CA ILE A 598 23.00 -12.49 -15.45
C ILE A 598 23.33 -13.23 -16.76
N GLU A 599 23.69 -12.53 -17.83
CA GLU A 599 23.95 -13.25 -19.06
C GLU A 599 24.98 -12.62 -20.00
N TRP A 600 26.15 -13.29 -20.04
CA TRP A 600 27.14 -12.92 -21.02
C TRP A 600 26.95 -13.75 -22.33
N VAL A 611 20.16 -5.60 -37.58
CA VAL A 611 19.59 -6.25 -36.39
C VAL A 611 18.11 -5.92 -36.15
N ARG A 612 17.70 -4.71 -36.53
CA ARG A 612 16.32 -4.21 -36.36
C ARG A 612 15.30 -5.07 -37.12
N ASN A 613 15.77 -5.68 -38.20
CA ASN A 613 14.95 -6.40 -39.16
C ASN A 613 14.45 -7.71 -38.60
N ASP A 614 15.06 -8.10 -37.48
CA ASP A 614 14.60 -9.23 -36.70
C ASP A 614 13.40 -8.73 -35.95
N LEU A 615 13.71 -7.86 -35.00
CA LEU A 615 12.74 -7.16 -34.20
C LEU A 615 11.50 -6.81 -35.02
N ILE A 616 11.66 -6.14 -36.16
CA ILE A 616 10.48 -5.70 -36.91
C ILE A 616 9.58 -6.86 -37.33
N ALA A 617 10.20 -7.99 -37.69
CA ALA A 617 9.47 -9.23 -38.00
C ALA A 617 9.01 -9.81 -36.66
N ALA A 618 9.83 -9.65 -35.63
CA ALA A 618 9.46 -10.16 -34.32
C ALA A 618 8.06 -9.66 -34.02
N LEU A 619 7.90 -8.33 -34.08
CA LEU A 619 6.61 -7.70 -33.92
C LEU A 619 5.58 -8.33 -34.83
N ARG A 620 5.88 -8.32 -36.13
CA ARG A 620 4.97 -8.78 -37.18
C ARG A 620 4.42 -10.14 -36.76
N GLU A 621 5.26 -11.17 -36.84
CA GLU A 621 4.91 -12.51 -36.43
C GLU A 621 3.95 -12.42 -35.27
N TYR A 622 4.33 -11.65 -34.25
CA TYR A 622 3.54 -11.56 -33.05
C TYR A 622 2.09 -11.23 -33.35
N LYS A 623 1.88 -10.16 -34.11
CA LYS A 623 0.52 -9.72 -34.50
C LYS A 623 -0.03 -10.45 -35.71
N ARG A 624 0.79 -11.28 -36.36
CA ARG A 624 0.28 -12.16 -37.38
C ARG A 624 -0.66 -13.08 -36.62
N LYS A 625 -0.26 -13.41 -35.41
CA LYS A 625 -1.00 -14.34 -34.58
C LYS A 625 -2.01 -13.61 -33.73
N MET A 626 -1.92 -12.28 -33.74
CA MET A 626 -2.78 -11.47 -32.87
C MET A 626 -3.29 -10.18 -33.56
N GLY A 627 -4.15 -10.38 -34.56
CA GLY A 627 -5.04 -9.34 -35.01
C GLY A 627 -6.00 -9.11 -33.85
N MET A 628 -6.62 -7.94 -33.83
CA MET A 628 -7.71 -7.64 -32.89
C MET A 628 -7.38 -7.71 -31.39
N ARG A 629 -6.91 -8.87 -30.90
CA ARG A 629 -6.52 -9.00 -29.49
C ARG A 629 -5.30 -8.13 -29.14
N GLU A 630 -5.31 -6.90 -29.70
CA GLU A 630 -4.13 -6.03 -29.87
C GLU A 630 -4.11 -5.50 -31.33
N GLY A 631 -3.02 -4.86 -31.74
CA GLY A 631 -1.94 -4.50 -30.82
C GLY A 631 -1.55 -3.05 -30.97
N ALA A 632 -2.40 -2.30 -31.68
CA ALA A 632 -2.00 -1.13 -32.47
C ALA A 632 -0.70 -1.37 -33.28
N SER A 633 0.55 -1.22 -32.78
CA SER A 633 1.05 -0.62 -31.53
C SER A 633 2.13 -1.42 -30.72
N ILE A 634 2.80 -2.48 -31.24
CA ILE A 634 2.95 -2.92 -32.63
C ILE A 634 3.24 -1.81 -33.64
N ASP A 635 2.24 -1.42 -34.41
CA ASP A 635 2.41 -0.35 -35.37
C ASP A 635 3.33 0.68 -34.77
N SER A 636 2.95 1.23 -33.62
CA SER A 636 3.78 2.17 -32.90
C SER A 636 5.22 1.69 -32.87
N TRP A 637 5.44 0.50 -32.31
CA TRP A 637 6.78 -0.07 -32.11
C TRP A 637 7.56 -0.31 -33.38
N LEU A 638 6.95 -0.99 -34.33
CA LEU A 638 7.55 -1.13 -35.65
C LEU A 638 8.03 0.23 -36.11
N GLU A 639 7.07 1.15 -36.34
CA GLU A 639 7.30 2.48 -36.92
C GLU A 639 8.24 3.37 -36.10
N LEU A 640 8.76 2.78 -35.04
CA LEU A 640 9.65 3.45 -34.12
C LEU A 640 11.02 2.79 -34.22
N LEU A 641 11.04 1.69 -34.98
CA LEU A 641 12.28 1.04 -35.41
C LEU A 641 12.57 1.51 -36.82
N ARG A 642 11.53 1.45 -37.67
CA ARG A 642 11.59 1.96 -39.04
C ARG A 642 11.52 3.49 -39.13
N HIS A 643 12.47 4.13 -38.43
CA HIS A 643 12.62 5.57 -38.29
C HIS A 643 13.58 5.77 -37.12
N LEU A 644 13.46 4.89 -36.12
CA LEU A 644 14.18 4.98 -34.84
C LEU A 644 14.22 6.41 -34.25
#